data_4ZMM
#
_entry.id   4ZMM
#
_cell.length_a   93.275
_cell.length_b   42.707
_cell.length_c   106.372
_cell.angle_alpha   90.00
_cell.angle_beta   106.75
_cell.angle_gamma   90.00
#
_symmetry.space_group_name_H-M   'C 1 2 1'
#
loop_
_entity.id
_entity.type
_entity.pdbx_description
1 polymer 'diguanylate cyclase'
2 non-polymer "9,9'-[(2R,3R,3aS,5S,7aR,9R,10R,10aS,12S,14aR)-3,5,10,12-tetrahydroxy-5,12-dioxidooctahydro-2H,7H-difuro[3,2-d:3',2'-j][1,3,7,9,2,8]tetraoxadiphosphacyclododecine-2,9-diyl]bis(2-amino-1,9-dihydro-6H-purin-6-one)"
3 water water
#
_entity_poly.entity_id   1
_entity_poly.type   'polypeptide(L)'
_entity_poly.pdbx_seq_one_letter_code
;GPGSGQAIGTLCLIDPSPRLLDLREGRQLNRLSILAEGYLQLRSLTEHTRFLRQEIDREQRKSLLDPLTQLWNRAGFHAL
HQHELELARASDQRIGIIYSDIDHFKRINDTLGHRAGDSVLREAASRLRAALRPEDLLARFGGEEFVAMVRVRETTELTM
IANRIRELMEATPIDCAGTSVPVTISAGCTLAGSGEEPERALARADAALYDAKRAGRNRVVSV
;
_entity_poly.pdbx_strand_id   A,B
#
loop_
_chem_comp.id
_chem_comp.type
_chem_comp.name
_chem_comp.formula
C2E non-polymer 9,9'-[(2R,3R,3aS,5S,7aR,9R,10R,10aS,12S,14aR)-3,5,10,12-tetrahydroxy-5,12-dioxidooctahydro-2H,7H-difuro[3,2-d:3',2'-j][1,3,7,9,2,8]tetraoxadiphosphacyclododecine-2,9-diyl]bis(2-amino-1,9-dihydro-6H-purin-6-one) 'C20 H24 N10 O14 P2'
#
# COMPACT_ATOMS: atom_id res chain seq x y z
N GLN A 60 13.42 31.16 -2.18
CA GLN A 60 12.95 30.51 -0.95
C GLN A 60 14.08 29.70 -0.34
N ARG A 61 13.98 29.44 0.96
CA ARG A 61 15.08 28.80 1.69
C ARG A 61 15.04 27.28 1.42
N LYS A 62 15.21 26.92 0.14
CA LYS A 62 15.03 25.56 -0.36
C LYS A 62 16.39 24.91 -0.60
N SER A 63 17.35 25.23 0.26
CA SER A 63 18.63 24.53 0.24
C SER A 63 18.55 23.26 1.06
N LEU A 64 17.33 22.82 1.34
CA LEU A 64 17.12 21.57 2.04
C LEU A 64 16.76 20.47 1.04
N LEU A 65 16.74 20.83 -0.23
CA LEU A 65 16.43 19.89 -1.30
C LEU A 65 17.61 19.53 -2.20
N ASP A 66 17.53 18.37 -2.83
CA ASP A 66 18.48 17.93 -3.84
C ASP A 66 18.08 18.56 -5.16
N PRO A 67 18.93 19.45 -5.72
CA PRO A 67 18.47 20.20 -6.90
C PRO A 67 18.07 19.28 -8.04
N LEU A 68 18.85 18.23 -8.27
CA LEU A 68 18.61 17.31 -9.37
C LEU A 68 17.25 16.62 -9.30
N THR A 69 16.93 16.04 -8.15
CA THR A 69 15.71 15.22 -8.03
C THR A 69 14.58 15.87 -7.24
N GLN A 70 14.87 16.97 -6.56
CA GLN A 70 13.88 17.66 -5.72
C GLN A 70 13.52 16.84 -4.45
N LEU A 71 14.24 15.76 -4.17
CA LEU A 71 14.08 15.05 -2.91
C LEU A 71 14.84 15.78 -1.80
N TRP A 72 14.62 15.38 -0.55
CA TRP A 72 15.41 15.93 0.53
C TRP A 72 16.87 15.58 0.33
N ASN A 73 17.75 16.45 0.82
CA ASN A 73 19.18 16.18 0.79
C ASN A 73 19.63 15.76 2.19
N ARG A 74 20.88 15.34 2.32
CA ARG A 74 21.35 14.80 3.59
C ARG A 74 20.93 15.67 4.77
N ALA A 75 21.17 16.97 4.65
CA ALA A 75 20.88 17.93 5.71
C ALA A 75 19.39 17.99 6.07
N GLY A 76 18.53 18.20 5.08
CA GLY A 76 17.09 18.25 5.30
C GLY A 76 16.57 16.95 5.92
N PHE A 77 17.02 15.83 5.37
CA PHE A 77 16.68 14.51 5.89
C PHE A 77 16.99 14.36 7.39
N HIS A 78 18.18 14.75 7.81
CA HIS A 78 18.58 14.58 9.21
C HIS A 78 17.78 15.46 10.16
N ALA A 79 17.38 16.63 9.69
CA ALA A 79 16.58 17.56 10.49
C ALA A 79 15.16 17.04 10.70
N LEU A 80 14.71 16.20 9.79
CA LEU A 80 13.36 15.68 9.85
C LEU A 80 13.22 14.57 10.91
N HIS A 81 14.35 13.99 11.31
CA HIS A 81 14.39 12.90 12.30
C HIS A 81 13.59 13.11 13.58
N GLN A 82 13.97 14.13 14.34
CA GLN A 82 13.35 14.40 15.63
C GLN A 82 11.83 14.34 15.56
N HIS A 83 11.26 15.08 14.62
CA HIS A 83 9.80 15.12 14.47
C HIS A 83 9.19 13.75 14.19
N GLU A 84 9.92 12.90 13.49
CA GLU A 84 9.47 11.54 13.23
C GLU A 84 9.56 10.69 14.51
N LEU A 85 10.57 10.95 15.33
CA LEU A 85 10.66 10.34 16.64
C LEU A 85 9.41 10.65 17.45
N GLU A 86 9.04 11.93 17.48
CA GLU A 86 7.76 12.37 18.06
C GLU A 86 6.60 11.52 17.52
N LEU A 87 6.29 11.68 16.23
CA LEU A 87 5.21 10.93 15.59
C LEU A 87 5.25 9.43 15.90
N ALA A 88 6.45 8.84 15.88
CA ALA A 88 6.63 7.40 16.04
C ALA A 88 6.22 6.90 17.44
N ARG A 89 6.81 7.45 18.49
CA ARG A 89 6.36 7.17 19.84
C ARG A 89 4.85 7.43 19.91
N ALA A 90 4.41 8.58 19.38
CA ALA A 90 3.00 8.96 19.33
C ALA A 90 2.10 7.83 18.86
N SER A 91 2.28 7.38 17.62
CA SER A 91 1.40 6.38 17.00
C SER A 91 1.81 4.95 17.29
N ASP A 92 2.69 4.75 18.27
CA ASP A 92 3.18 3.42 18.62
C ASP A 92 3.82 2.71 17.43
N GLN A 93 4.58 3.45 16.64
CA GLN A 93 5.27 2.83 15.52
C GLN A 93 6.76 2.79 15.70
N ARG A 94 7.41 2.09 14.78
CA ARG A 94 8.87 2.05 14.70
C ARG A 94 9.37 2.89 13.52
N ILE A 95 10.57 3.40 13.65
CA ILE A 95 11.25 4.09 12.59
C ILE A 95 12.21 3.17 11.83
N GLY A 96 11.90 2.91 10.57
CA GLY A 96 12.75 2.14 9.68
C GLY A 96 13.55 3.00 8.71
N ILE A 97 14.79 2.60 8.46
CA ILE A 97 15.58 3.24 7.42
C ILE A 97 15.82 2.21 6.33
N ILE A 98 15.57 2.63 5.09
CA ILE A 98 16.00 1.92 3.89
C ILE A 98 17.04 2.76 3.16
N TYR A 99 18.26 2.22 3.05
CA TYR A 99 19.34 2.87 2.34
C TYR A 99 19.64 2.08 1.05
N SER A 100 19.33 2.66 -0.10
CA SER A 100 19.49 1.93 -1.36
C SER A 100 20.48 2.64 -2.32
N ASP A 101 21.05 1.89 -3.26
CA ASP A 101 22.05 2.44 -4.17
C ASP A 101 21.93 1.80 -5.55
N ILE A 102 21.92 2.62 -6.60
CA ILE A 102 21.83 2.11 -7.95
C ILE A 102 23.09 1.35 -8.35
N ASP A 103 22.89 0.12 -8.81
CA ASP A 103 23.98 -0.77 -9.18
C ASP A 103 24.70 -0.37 -10.47
N HIS A 104 26.02 -0.46 -10.46
CA HIS A 104 26.81 -0.20 -11.67
C HIS A 104 26.54 1.17 -12.30
N PHE A 105 26.46 2.20 -11.47
CA PHE A 105 26.11 3.53 -11.95
C PHE A 105 27.21 4.21 -12.80
N LYS A 106 28.47 3.95 -12.46
CA LYS A 106 29.58 4.52 -13.22
C LYS A 106 29.55 4.02 -14.66
N ARG A 107 29.41 2.71 -14.80
CA ARG A 107 29.21 2.06 -16.09
C ARG A 107 28.22 2.84 -16.94
N ILE A 108 27.09 3.21 -16.34
CA ILE A 108 26.09 3.96 -17.08
C ILE A 108 26.65 5.33 -17.44
N ASN A 109 27.13 6.04 -16.42
CA ASN A 109 27.67 7.37 -16.61
C ASN A 109 28.80 7.40 -17.62
N ASP A 110 29.89 6.71 -17.32
CA ASP A 110 31.07 6.68 -18.19
C ASP A 110 30.72 6.28 -19.62
N THR A 111 29.72 5.41 -19.77
CA THR A 111 29.38 4.85 -21.07
C THR A 111 28.48 5.77 -21.90
N LEU A 112 27.55 6.46 -21.24
CA LEU A 112 26.52 7.22 -21.95
C LEU A 112 26.49 8.71 -21.58
N GLY A 113 27.33 9.12 -20.64
CA GLY A 113 27.45 10.53 -20.33
C GLY A 113 26.58 10.99 -19.18
N HIS A 114 27.03 12.05 -18.52
CA HIS A 114 26.35 12.59 -17.34
C HIS A 114 24.86 12.82 -17.48
N ARG A 115 24.41 13.34 -18.62
CA ARG A 115 22.96 13.51 -18.85
C ARG A 115 22.21 12.19 -18.70
N ALA A 116 22.72 11.12 -19.30
CA ALA A 116 22.14 9.80 -19.19
C ALA A 116 22.01 9.42 -17.72
N GLY A 117 23.11 9.52 -16.98
CA GLY A 117 23.11 9.24 -15.55
C GLY A 117 22.16 10.10 -14.75
N ASP A 118 22.06 11.38 -15.08
CA ASP A 118 21.13 12.27 -14.37
C ASP A 118 19.71 11.86 -14.68
N SER A 119 19.54 11.22 -15.82
CA SER A 119 18.23 10.81 -16.26
C SER A 119 17.79 9.60 -15.47
N VAL A 120 18.72 8.68 -15.29
CA VAL A 120 18.49 7.49 -14.52
C VAL A 120 18.13 7.92 -13.10
N LEU A 121 18.90 8.88 -12.57
CA LEU A 121 18.64 9.36 -11.22
C LEU A 121 17.27 9.97 -11.05
N ARG A 122 16.86 10.76 -12.05
CA ARG A 122 15.54 11.39 -12.04
C ARG A 122 14.40 10.37 -12.15
N GLU A 123 14.59 9.34 -12.97
CA GLU A 123 13.55 8.34 -13.12
C GLU A 123 13.43 7.53 -11.82
N ALA A 124 14.57 7.21 -11.21
CA ALA A 124 14.63 6.54 -9.92
C ALA A 124 13.87 7.30 -8.83
N ALA A 125 14.23 8.57 -8.64
CA ALA A 125 13.58 9.38 -7.61
C ALA A 125 12.08 9.34 -7.77
N SER A 126 11.65 9.42 -9.03
CA SER A 126 10.24 9.47 -9.37
C SER A 126 9.53 8.14 -9.05
N ARG A 127 10.07 7.03 -9.53
CA ARG A 127 9.53 5.71 -9.20
C ARG A 127 9.41 5.50 -7.68
N LEU A 128 10.52 5.72 -6.96
CA LEU A 128 10.53 5.62 -5.50
C LEU A 128 9.44 6.45 -4.84
N ARG A 129 9.37 7.73 -5.20
CA ARG A 129 8.39 8.64 -4.63
C ARG A 129 7.00 8.10 -4.83
N ALA A 130 6.79 7.50 -5.99
CA ALA A 130 5.47 7.02 -6.37
C ALA A 130 5.12 5.71 -5.65
N ALA A 131 6.13 5.03 -5.14
CA ALA A 131 5.95 3.73 -4.49
C ALA A 131 5.92 3.81 -2.96
N LEU A 132 5.72 5.02 -2.43
CA LEU A 132 5.71 5.23 -0.99
C LEU A 132 4.62 6.19 -0.63
N ARG A 133 4.06 6.02 0.56
CA ARG A 133 3.02 6.92 1.05
C ARG A 133 3.55 8.33 1.27
N PRO A 134 2.66 9.32 1.23
CA PRO A 134 3.01 10.75 1.28
C PRO A 134 3.87 11.11 2.47
N GLU A 135 3.66 10.47 3.61
CA GLU A 135 4.36 10.87 4.82
C GLU A 135 5.75 10.22 4.97
N ASP A 136 6.14 9.39 4.02
CA ASP A 136 7.42 8.71 4.12
C ASP A 136 8.49 9.68 3.62
N LEU A 137 9.59 9.78 4.36
CA LEU A 137 10.68 10.65 3.94
C LEU A 137 11.48 9.93 2.88
N LEU A 138 11.81 10.66 1.83
CA LEU A 138 12.67 10.15 0.79
C LEU A 138 13.73 11.20 0.49
N ALA A 139 14.98 10.79 0.39
CA ALA A 139 16.07 11.72 0.23
C ALA A 139 17.11 11.21 -0.75
N ARG A 140 17.91 12.14 -1.26
CA ARG A 140 19.11 11.80 -2.02
C ARG A 140 20.27 12.60 -1.45
N PHE A 141 21.28 11.90 -0.94
CA PHE A 141 22.41 12.56 -0.28
C PHE A 141 23.44 13.01 -1.29
N GLY A 142 23.51 12.29 -2.41
CA GLY A 142 24.55 12.47 -3.40
C GLY A 142 24.78 11.15 -4.10
N GLY A 143 25.65 11.14 -5.11
CA GLY A 143 25.86 9.95 -5.90
C GLY A 143 24.55 9.33 -6.38
N GLU A 144 24.43 8.02 -6.29
CA GLU A 144 23.28 7.29 -6.83
C GLU A 144 22.50 6.58 -5.71
N GLU A 145 22.37 7.25 -4.58
CA GLU A 145 21.80 6.62 -3.41
C GLU A 145 20.57 7.35 -2.87
N PHE A 146 19.56 6.56 -2.55
CA PHE A 146 18.31 7.08 -2.05
C PHE A 146 18.04 6.46 -0.69
N VAL A 147 17.71 7.31 0.27
CA VAL A 147 17.47 6.86 1.62
C VAL A 147 16.02 7.15 1.96
N ALA A 148 15.31 6.15 2.44
CA ALA A 148 13.92 6.34 2.87
C ALA A 148 13.78 6.14 4.37
N MET A 149 12.85 6.88 4.97
CA MET A 149 12.46 6.68 6.35
C MET A 149 10.95 6.47 6.47
N VAL A 150 10.57 5.33 7.00
CA VAL A 150 9.17 4.96 7.02
C VAL A 150 8.74 4.59 8.43
N ARG A 151 7.54 4.95 8.82
CA ARG A 151 7.03 4.56 10.13
C ARG A 151 6.28 3.24 10.00
N VAL A 152 6.75 2.21 10.69
CA VAL A 152 6.14 0.88 10.59
C VAL A 152 6.02 0.16 11.94
N ARG A 153 5.52 -1.07 11.92
CA ARG A 153 5.29 -1.84 13.15
C ARG A 153 6.46 -2.75 13.45
N GLU A 154 7.02 -3.36 12.40
CA GLU A 154 8.10 -4.32 12.58
C GLU A 154 8.94 -4.44 11.30
N THR A 155 10.13 -5.00 11.43
CA THR A 155 11.10 -4.99 10.34
C THR A 155 10.70 -5.79 9.10
N THR A 156 9.95 -6.87 9.29
CA THR A 156 9.44 -7.65 8.16
C THR A 156 8.75 -6.75 7.14
N GLU A 157 8.03 -5.76 7.64
CA GLU A 157 7.32 -4.82 6.79
C GLU A 157 8.31 -3.92 6.05
N LEU A 158 9.40 -3.55 6.74
CA LEU A 158 10.41 -2.69 6.15
C LEU A 158 11.10 -3.39 4.99
N THR A 159 11.51 -4.63 5.22
CA THR A 159 12.11 -5.44 4.17
C THR A 159 11.17 -5.51 2.96
N MET A 160 9.89 -5.70 3.22
CA MET A 160 8.94 -5.89 2.15
C MET A 160 8.86 -4.64 1.29
N ILE A 161 8.75 -3.49 1.94
CA ILE A 161 8.81 -2.21 1.25
C ILE A 161 10.08 -2.06 0.42
N ALA A 162 11.20 -2.56 0.95
CA ALA A 162 12.50 -2.47 0.30
C ALA A 162 12.58 -3.30 -0.98
N ASN A 163 12.06 -4.52 -0.92
CA ASN A 163 12.05 -5.38 -2.09
C ASN A 163 11.05 -4.91 -3.14
N ARG A 164 10.01 -4.24 -2.67
CA ARG A 164 9.04 -3.58 -3.54
C ARG A 164 9.75 -2.58 -4.44
N ILE A 165 10.42 -1.62 -3.81
CA ILE A 165 11.21 -0.62 -4.51
C ILE A 165 12.19 -1.31 -5.47
N ARG A 166 12.80 -2.38 -4.99
CA ARG A 166 13.83 -3.08 -5.73
C ARG A 166 13.26 -3.69 -6.98
N GLU A 167 12.18 -4.46 -6.82
CA GLU A 167 11.54 -5.09 -7.96
C GLU A 167 11.02 -4.06 -8.98
N LEU A 168 10.42 -2.98 -8.51
CA LEU A 168 9.86 -2.03 -9.45
C LEU A 168 10.95 -1.28 -10.19
N MET A 169 12.14 -1.20 -9.60
CA MET A 169 13.23 -0.55 -10.29
C MET A 169 13.77 -1.47 -11.37
N GLU A 170 13.73 -2.77 -11.09
CA GLU A 170 14.20 -3.82 -11.98
C GLU A 170 13.20 -4.12 -13.08
N ALA A 171 11.92 -3.88 -12.80
CA ALA A 171 10.85 -4.35 -13.68
C ALA A 171 10.87 -3.66 -15.05
N THR A 172 11.30 -2.40 -15.06
CA THR A 172 11.21 -1.58 -16.26
C THR A 172 12.52 -0.86 -16.51
N PRO A 173 13.04 -0.93 -17.74
CA PRO A 173 14.27 -0.21 -18.08
C PRO A 173 14.00 1.29 -18.02
N ILE A 174 15.03 2.10 -18.26
CA ILE A 174 14.88 3.55 -18.21
C ILE A 174 15.36 4.19 -19.52
N ASP A 175 14.49 4.98 -20.13
CA ASP A 175 14.83 5.70 -21.36
C ASP A 175 15.81 6.83 -21.09
N CYS A 176 16.99 6.77 -21.72
CA CYS A 176 18.00 7.83 -21.66
C CYS A 176 18.39 8.35 -23.05
N ALA A 177 17.58 9.26 -23.60
CA ALA A 177 17.85 9.85 -24.91
C ALA A 177 17.70 8.84 -26.06
N GLY A 178 16.69 7.98 -25.94
CA GLY A 178 16.38 7.00 -26.96
C GLY A 178 17.03 5.65 -26.69
N THR A 179 18.02 5.66 -25.79
CA THR A 179 18.71 4.43 -25.41
C THR A 179 18.10 3.87 -24.13
N SER A 180 17.55 2.66 -24.17
CA SER A 180 16.94 2.09 -22.96
C SER A 180 17.98 1.39 -22.09
N VAL A 181 17.99 1.74 -20.81
CA VAL A 181 19.02 1.23 -19.91
C VAL A 181 18.41 0.47 -18.72
N PRO A 182 18.80 -0.80 -18.57
CA PRO A 182 18.30 -1.66 -17.49
C PRO A 182 19.05 -1.31 -16.23
N VAL A 183 18.34 -1.14 -15.11
CA VAL A 183 19.02 -0.83 -13.86
C VAL A 183 18.46 -1.65 -12.69
N THR A 184 19.33 -2.03 -11.77
CA THR A 184 18.89 -2.65 -10.53
C THR A 184 19.33 -1.80 -9.35
N ILE A 185 18.84 -2.16 -8.17
CA ILE A 185 19.18 -1.41 -6.98
C ILE A 185 19.41 -2.38 -5.84
N SER A 186 20.40 -2.06 -4.99
CA SER A 186 20.66 -2.78 -3.75
C SER A 186 20.18 -1.92 -2.57
N ALA A 187 19.79 -2.58 -1.48
CA ALA A 187 19.40 -1.86 -0.26
C ALA A 187 19.80 -2.56 1.04
N GLY A 188 20.07 -1.75 2.05
CA GLY A 188 20.18 -2.20 3.42
C GLY A 188 19.09 -1.51 4.21
N CYS A 189 18.49 -2.20 5.16
CA CYS A 189 17.43 -1.60 5.95
C CYS A 189 17.44 -2.12 7.37
N THR A 190 17.05 -1.26 8.30
CA THR A 190 17.01 -1.58 9.73
C THR A 190 15.99 -0.71 10.48
N LEU A 191 15.58 -1.14 11.66
CA LEU A 191 14.77 -0.26 12.50
C LEU A 191 15.66 0.56 13.42
N ALA A 192 15.26 1.80 13.67
CA ALA A 192 15.92 2.58 14.71
C ALA A 192 15.65 1.87 16.01
N GLY A 193 16.72 1.48 16.69
CA GLY A 193 16.61 0.74 17.93
C GLY A 193 16.02 1.60 19.02
N SER A 194 15.48 0.94 20.04
CA SER A 194 14.93 1.59 21.21
C SER A 194 16.02 2.44 21.86
N GLY A 195 15.82 3.76 21.90
CA GLY A 195 16.82 4.66 22.43
C GLY A 195 18.08 4.79 21.58
N GLU A 196 17.97 4.41 20.31
CA GLU A 196 19.11 4.55 19.39
C GLU A 196 19.01 5.91 18.69
N GLU A 197 20.16 6.53 18.48
CA GLU A 197 20.24 7.86 17.86
C GLU A 197 20.10 7.72 16.34
N PRO A 198 19.72 8.82 15.66
CA PRO A 198 19.38 8.69 14.23
C PRO A 198 20.57 8.23 13.37
N GLU A 199 21.67 8.97 13.44
CA GLU A 199 22.86 8.64 12.68
C GLU A 199 23.30 7.19 12.89
N ARG A 200 23.09 6.67 14.09
CA ARG A 200 23.56 5.32 14.41
C ARG A 200 22.83 4.33 13.52
N ALA A 201 21.52 4.48 13.42
CA ALA A 201 20.72 3.54 12.67
C ALA A 201 21.02 3.68 11.18
N LEU A 202 21.19 4.92 10.74
CA LEU A 202 21.57 5.22 9.37
C LEU A 202 22.85 4.50 8.97
N ALA A 203 23.82 4.48 9.86
CA ALA A 203 25.09 3.84 9.57
C ALA A 203 24.94 2.32 9.52
N ARG A 204 24.05 1.77 10.34
CA ARG A 204 23.84 0.33 10.35
C ARG A 204 23.20 -0.05 9.01
N ALA A 205 22.32 0.80 8.52
CA ALA A 205 21.69 0.58 7.21
C ALA A 205 22.68 0.79 6.05
N ASP A 206 23.53 1.79 6.16
CA ASP A 206 24.60 1.97 5.18
C ASP A 206 25.47 0.70 5.09
N ALA A 207 25.85 0.15 6.25
CA ALA A 207 26.65 -1.08 6.32
C ALA A 207 25.94 -2.34 5.75
N ALA A 208 24.63 -2.46 5.98
CA ALA A 208 23.86 -3.54 5.38
C ALA A 208 23.85 -3.41 3.86
N LEU A 209 23.74 -2.17 3.38
CA LEU A 209 23.79 -1.91 1.94
C LEU A 209 25.11 -2.38 1.33
N TYR A 210 26.22 -2.01 1.97
CA TYR A 210 27.53 -2.56 1.62
C TYR A 210 27.51 -4.08 1.52
N ASP A 211 26.94 -4.76 2.52
CA ASP A 211 26.90 -6.20 2.48
C ASP A 211 26.04 -6.67 1.33
N ALA A 212 25.02 -5.88 0.99
CA ALA A 212 24.11 -6.26 -0.09
C ALA A 212 24.84 -6.22 -1.43
N LYS A 213 25.64 -5.18 -1.62
CA LYS A 213 26.46 -5.06 -2.82
C LYS A 213 27.43 -6.25 -2.91
N ARG A 214 28.21 -6.45 -1.84
CA ARG A 214 29.19 -7.54 -1.77
C ARG A 214 28.56 -8.90 -2.06
N ALA A 215 27.36 -9.14 -1.55
CA ALA A 215 26.70 -10.43 -1.74
C ALA A 215 26.19 -10.64 -3.16
N GLY A 216 26.50 -9.71 -4.08
CA GLY A 216 26.07 -9.85 -5.46
C GLY A 216 25.21 -8.75 -6.10
N ARG A 217 24.71 -7.83 -5.27
CA ARG A 217 23.86 -6.73 -5.74
C ARG A 217 22.44 -7.15 -6.04
N ASN A 218 21.63 -6.18 -6.50
CA ASN A 218 20.21 -6.38 -6.76
C ASN A 218 19.54 -7.20 -5.67
N ARG A 219 19.67 -6.75 -4.44
CA ARG A 219 19.08 -7.46 -3.31
C ARG A 219 19.01 -6.58 -2.08
N VAL A 220 18.29 -7.07 -1.09
CA VAL A 220 18.00 -6.29 0.10
C VAL A 220 18.59 -7.03 1.28
N VAL A 221 19.18 -6.30 2.21
CA VAL A 221 19.71 -6.91 3.40
C VAL A 221 19.12 -6.24 4.64
N SER A 222 18.29 -7.01 5.35
CA SER A 222 17.59 -6.53 6.52
C SER A 222 18.41 -6.86 7.73
N VAL A 223 18.61 -5.89 8.61
CA VAL A 223 19.55 -6.02 9.71
C VAL A 223 18.99 -5.36 10.97
N SER B 63 -23.20 -4.95 20.41
CA SER B 63 -22.90 -3.53 20.25
C SER B 63 -23.31 -3.08 18.84
N LEU B 64 -22.32 -2.59 18.08
CA LEU B 64 -22.53 -2.16 16.69
C LEU B 64 -21.73 -3.01 15.71
N LEU B 65 -21.62 -4.31 16.02
CA LEU B 65 -20.81 -5.26 15.26
C LEU B 65 -21.64 -6.40 14.68
N ASP B 66 -21.11 -7.03 13.63
CA ASP B 66 -21.66 -8.27 13.14
C ASP B 66 -21.08 -9.38 14.00
N PRO B 67 -21.97 -10.10 14.73
CA PRO B 67 -21.58 -11.18 15.65
C PRO B 67 -20.68 -12.20 14.97
N LEU B 68 -21.06 -12.61 13.77
CA LEU B 68 -20.36 -13.68 13.06
C LEU B 68 -18.89 -13.34 12.82
N THR B 69 -18.63 -12.12 12.35
CA THR B 69 -17.29 -11.77 11.88
C THR B 69 -16.61 -10.67 12.69
N GLN B 70 -17.34 -10.05 13.62
CA GLN B 70 -16.75 -9.00 14.45
C GLN B 70 -16.34 -7.79 13.61
N LEU B 71 -16.90 -7.70 12.41
CA LEU B 71 -16.80 -6.52 11.57
C LEU B 71 -18.00 -5.63 11.92
N TRP B 72 -17.92 -4.36 11.56
CA TRP B 72 -19.05 -3.46 11.72
C TRP B 72 -20.27 -4.03 11.03
N ASN B 73 -21.46 -3.71 11.53
CA ASN B 73 -22.70 -4.06 10.82
C ASN B 73 -23.30 -2.79 10.22
N ARG B 74 -24.41 -2.92 9.50
CA ARG B 74 -25.02 -1.75 8.87
C ARG B 74 -25.10 -0.59 9.86
N ALA B 75 -25.49 -0.88 11.09
CA ALA B 75 -25.61 0.16 12.11
C ALA B 75 -24.26 0.82 12.38
N GLY B 76 -23.23 -0.01 12.60
CA GLY B 76 -21.90 0.48 12.89
C GLY B 76 -21.37 1.33 11.76
N PHE B 77 -21.68 0.91 10.53
CA PHE B 77 -21.31 1.65 9.33
C PHE B 77 -21.80 3.10 9.36
N HIS B 78 -23.12 3.27 9.41
CA HIS B 78 -23.71 4.59 9.37
C HIS B 78 -23.27 5.48 10.53
N ALA B 79 -22.91 4.85 11.65
CA ALA B 79 -22.52 5.58 12.85
C ALA B 79 -21.17 6.28 12.69
N LEU B 80 -20.28 5.65 11.94
CA LEU B 80 -18.96 6.21 11.68
C LEU B 80 -18.98 7.23 10.54
N HIS B 81 -19.88 7.03 9.59
CA HIS B 81 -19.94 7.87 8.39
C HIS B 81 -19.68 9.36 8.62
N GLN B 82 -20.51 9.99 9.45
CA GLN B 82 -20.40 11.42 9.68
C GLN B 82 -18.99 11.80 10.10
N HIS B 83 -18.35 10.92 10.87
CA HIS B 83 -16.98 11.15 11.31
C HIS B 83 -16.04 11.10 10.12
N GLU B 84 -16.29 10.15 9.23
CA GLU B 84 -15.50 10.02 8.01
C GLU B 84 -15.66 11.24 7.08
N LEU B 85 -16.85 11.81 7.03
CA LEU B 85 -17.05 13.06 6.32
C LEU B 85 -16.07 14.09 6.85
N GLU B 86 -16.14 14.36 8.15
CA GLU B 86 -15.26 15.37 8.74
C GLU B 86 -13.81 15.11 8.37
N LEU B 87 -13.39 13.85 8.49
CA LEU B 87 -12.03 13.44 8.14
C LEU B 87 -11.70 13.67 6.66
N ALA B 88 -12.61 13.26 5.79
CA ALA B 88 -12.44 13.46 4.36
C ALA B 88 -12.28 14.94 4.00
N ARG B 89 -13.09 15.80 4.61
CA ARG B 89 -12.96 17.25 4.45
C ARG B 89 -11.59 17.76 4.85
N ALA B 90 -11.09 17.27 5.98
CA ALA B 90 -9.81 17.74 6.51
C ALA B 90 -8.64 17.47 5.56
N SER B 91 -8.64 16.31 4.91
CA SER B 91 -7.50 15.92 4.08
C SER B 91 -7.81 15.94 2.59
N ASP B 92 -8.84 16.72 2.23
CA ASP B 92 -9.26 16.84 0.84
C ASP B 92 -9.38 15.49 0.15
N GLN B 93 -10.23 14.63 0.72
CA GLN B 93 -10.48 13.32 0.14
C GLN B 93 -11.94 13.10 -0.14
N ARG B 94 -12.22 11.98 -0.79
CA ARG B 94 -13.59 11.62 -1.15
C ARG B 94 -13.96 10.29 -0.50
N ILE B 95 -15.20 10.17 -0.04
CA ILE B 95 -15.72 8.93 0.49
C ILE B 95 -15.90 7.89 -0.61
N GLY B 96 -15.15 6.80 -0.51
CA GLY B 96 -15.28 5.70 -1.45
C GLY B 96 -16.03 4.56 -0.81
N ILE B 97 -16.92 3.96 -1.58
CA ILE B 97 -17.69 2.84 -1.16
C ILE B 97 -17.41 1.68 -2.11
N ILE B 98 -16.95 0.56 -1.54
CA ILE B 98 -16.85 -0.69 -2.28
C ILE B 98 -17.83 -1.69 -1.72
N TYR B 99 -18.75 -2.15 -2.58
CA TYR B 99 -19.80 -3.08 -2.19
C TYR B 99 -19.52 -4.42 -2.85
N SER B 100 -19.33 -5.46 -2.03
CA SER B 100 -18.96 -6.74 -2.60
C SER B 100 -19.78 -7.91 -2.06
N ASP B 101 -19.86 -8.96 -2.87
CA ASP B 101 -20.68 -10.10 -2.57
C ASP B 101 -19.94 -11.37 -3.01
N ILE B 102 -19.91 -12.38 -2.15
CA ILE B 102 -19.27 -13.63 -2.52
C ILE B 102 -20.06 -14.32 -3.63
N ASP B 103 -19.34 -14.77 -4.65
CA ASP B 103 -19.93 -15.42 -5.80
C ASP B 103 -20.31 -16.88 -5.50
N HIS B 104 -21.58 -17.23 -5.76
CA HIS B 104 -22.05 -18.61 -5.65
C HIS B 104 -21.98 -19.19 -4.25
N PHE B 105 -22.52 -18.44 -3.29
CA PHE B 105 -22.34 -18.75 -1.88
C PHE B 105 -23.30 -19.84 -1.41
N LYS B 106 -24.48 -19.89 -2.01
CA LYS B 106 -25.46 -20.92 -1.69
C LYS B 106 -24.98 -22.30 -2.15
N ARG B 107 -24.39 -22.34 -3.33
CA ARG B 107 -23.76 -23.56 -3.82
C ARG B 107 -22.85 -24.15 -2.74
N ILE B 108 -22.11 -23.29 -2.04
CA ILE B 108 -21.20 -23.72 -0.98
C ILE B 108 -21.96 -24.23 0.24
N ASN B 109 -22.92 -23.43 0.71
CA ASN B 109 -23.69 -23.79 1.87
C ASN B 109 -24.39 -25.13 1.65
N ASP B 110 -24.80 -25.39 0.42
CA ASP B 110 -25.60 -26.57 0.13
C ASP B 110 -24.71 -27.79 -0.01
N THR B 111 -23.59 -27.60 -0.70
CA THR B 111 -22.67 -28.70 -0.99
C THR B 111 -21.70 -29.05 0.15
N LEU B 112 -21.65 -28.23 1.19
CA LEU B 112 -20.70 -28.49 2.28
C LEU B 112 -21.28 -28.12 3.66
N GLY B 113 -22.43 -27.47 3.65
CA GLY B 113 -23.09 -27.15 4.90
C GLY B 113 -22.88 -25.74 5.42
N HIS B 114 -23.83 -25.31 6.24
CA HIS B 114 -23.80 -24.01 6.89
C HIS B 114 -22.50 -23.71 7.68
N ARG B 115 -21.89 -24.73 8.30
CA ARG B 115 -20.61 -24.50 8.98
C ARG B 115 -19.54 -24.03 7.98
N ALA B 116 -19.53 -24.66 6.81
CA ALA B 116 -18.61 -24.32 5.74
C ALA B 116 -18.86 -22.88 5.26
N GLY B 117 -20.09 -22.62 4.83
CA GLY B 117 -20.48 -21.28 4.46
C GLY B 117 -20.06 -20.27 5.51
N ASP B 118 -20.24 -20.60 6.79
CA ASP B 118 -19.86 -19.67 7.85
C ASP B 118 -18.34 -19.48 7.94
N SER B 119 -17.60 -20.48 7.49
CA SER B 119 -16.13 -20.44 7.53
C SER B 119 -15.60 -19.58 6.39
N VAL B 120 -16.17 -19.79 5.22
CA VAL B 120 -15.83 -18.97 4.08
C VAL B 120 -16.06 -17.50 4.46
N LEU B 121 -17.22 -17.20 5.05
CA LEU B 121 -17.46 -15.83 5.50
C LEU B 121 -16.39 -15.32 6.46
N ARG B 122 -15.92 -16.18 7.36
CA ARG B 122 -14.91 -15.76 8.33
C ARG B 122 -13.54 -15.46 7.67
N GLU B 123 -13.15 -16.28 6.70
CA GLU B 123 -11.88 -16.10 6.01
C GLU B 123 -11.90 -14.84 5.14
N ALA B 124 -13.05 -14.54 4.55
CA ALA B 124 -13.18 -13.33 3.75
C ALA B 124 -13.02 -12.08 4.59
N ALA B 125 -13.73 -12.01 5.70
CA ALA B 125 -13.64 -10.84 6.56
C ALA B 125 -12.18 -10.59 6.91
N SER B 126 -11.43 -11.68 7.04
CA SER B 126 -10.06 -11.66 7.51
C SER B 126 -9.09 -11.24 6.41
N ARG B 127 -9.29 -11.75 5.21
CA ARG B 127 -8.48 -11.35 4.08
C ARG B 127 -8.75 -9.89 3.70
N LEU B 128 -10.01 -9.54 3.52
CA LEU B 128 -10.39 -8.14 3.30
C LEU B 128 -9.76 -7.20 4.32
N ARG B 129 -9.94 -7.53 5.61
CA ARG B 129 -9.48 -6.68 6.69
C ARG B 129 -7.96 -6.50 6.67
N ALA B 130 -7.28 -7.58 6.28
CA ALA B 130 -5.82 -7.60 6.16
C ALA B 130 -5.35 -6.91 4.88
N ALA B 131 -6.29 -6.61 3.99
CA ALA B 131 -5.94 -6.09 2.69
C ALA B 131 -6.28 -4.61 2.62
N LEU B 132 -6.68 -4.04 3.76
CA LEU B 132 -6.89 -2.61 3.88
C LEU B 132 -6.06 -2.02 5.02
N ARG B 133 -5.95 -0.70 5.04
CA ARG B 133 -5.30 0.00 6.12
C ARG B 133 -6.26 0.09 7.30
N PRO B 134 -5.72 0.28 8.51
CA PRO B 134 -6.54 0.20 9.73
C PRO B 134 -7.71 1.17 9.74
N GLU B 135 -7.52 2.33 9.12
CA GLU B 135 -8.55 3.38 9.18
C GLU B 135 -9.69 3.15 8.18
N ASP B 136 -9.49 2.22 7.25
CA ASP B 136 -10.54 1.88 6.31
C ASP B 136 -11.66 1.11 7.02
N LEU B 137 -12.91 1.53 6.82
CA LEU B 137 -14.09 0.89 7.41
C LEU B 137 -14.48 -0.35 6.63
N LEU B 138 -14.52 -1.49 7.34
CA LEU B 138 -14.99 -2.73 6.75
C LEU B 138 -16.18 -3.26 7.55
N ALA B 139 -17.25 -3.61 6.84
CA ALA B 139 -18.49 -4.02 7.49
C ALA B 139 -19.17 -5.17 6.76
N ARG B 140 -20.09 -5.81 7.47
CA ARG B 140 -20.94 -6.86 6.92
C ARG B 140 -22.34 -6.58 7.43
N PHE B 141 -23.27 -6.34 6.52
CA PHE B 141 -24.63 -5.98 6.91
C PHE B 141 -25.37 -7.26 7.21
N GLY B 142 -24.97 -8.31 6.50
CA GLY B 142 -25.64 -9.59 6.54
C GLY B 142 -25.28 -10.35 5.28
N GLY B 143 -26.01 -11.44 5.02
CA GLY B 143 -25.75 -12.30 3.88
C GLY B 143 -24.28 -12.64 3.70
N GLU B 144 -23.83 -12.60 2.46
CA GLU B 144 -22.43 -12.84 2.14
C GLU B 144 -21.80 -11.58 1.49
N GLU B 145 -22.25 -10.41 1.93
CA GLU B 145 -21.77 -9.15 1.34
C GLU B 145 -20.91 -8.32 2.31
N PHE B 146 -19.82 -7.78 1.79
CA PHE B 146 -18.94 -6.93 2.58
C PHE B 146 -18.85 -5.53 1.97
N VAL B 147 -19.12 -4.54 2.80
CA VAL B 147 -19.07 -3.15 2.36
C VAL B 147 -17.82 -2.53 2.92
N ALA B 148 -17.10 -1.80 2.08
CA ALA B 148 -15.92 -1.07 2.55
C ALA B 148 -16.07 0.42 2.30
N MET B 149 -15.60 1.20 3.25
CA MET B 149 -15.53 2.65 3.11
C MET B 149 -14.07 3.08 3.26
N VAL B 150 -13.55 3.75 2.24
CA VAL B 150 -12.16 4.15 2.19
C VAL B 150 -12.05 5.58 1.65
N ARG B 151 -11.31 6.44 2.34
CA ARG B 151 -11.09 7.81 1.89
C ARG B 151 -9.96 7.86 0.87
N VAL B 152 -10.25 8.44 -0.30
CA VAL B 152 -9.32 8.50 -1.43
C VAL B 152 -9.48 9.81 -2.21
N ARG B 153 -8.65 10.00 -3.24
CA ARG B 153 -8.69 11.26 -3.97
C ARG B 153 -9.36 11.18 -5.34
N GLU B 154 -9.54 9.96 -5.85
CA GLU B 154 -10.23 9.78 -7.13
C GLU B 154 -10.63 8.32 -7.33
N THR B 155 -11.60 8.06 -8.19
CA THR B 155 -12.18 6.73 -8.24
C THR B 155 -11.29 5.61 -8.81
N THR B 156 -10.32 5.97 -9.65
CA THR B 156 -9.34 4.99 -10.13
C THR B 156 -8.68 4.28 -8.94
N GLU B 157 -8.42 5.03 -7.88
CA GLU B 157 -7.82 4.47 -6.68
C GLU B 157 -8.77 3.50 -6.02
N LEU B 158 -10.03 3.88 -5.89
CA LEU B 158 -11.05 2.99 -5.37
C LEU B 158 -11.15 1.72 -6.21
N THR B 159 -11.10 1.87 -7.53
CA THR B 159 -11.20 0.72 -8.42
C THR B 159 -10.02 -0.23 -8.21
N MET B 160 -8.81 0.32 -8.10
CA MET B 160 -7.64 -0.52 -7.86
C MET B 160 -7.79 -1.31 -6.56
N ILE B 161 -8.22 -0.63 -5.50
CA ILE B 161 -8.42 -1.25 -4.21
C ILE B 161 -9.39 -2.42 -4.31
N ALA B 162 -10.50 -2.18 -5.03
CA ALA B 162 -11.52 -3.20 -5.27
C ALA B 162 -10.95 -4.42 -6.00
N ASN B 163 -10.32 -4.20 -7.14
CA ASN B 163 -9.71 -5.29 -7.88
C ASN B 163 -8.66 -6.08 -7.08
N ARG B 164 -8.02 -5.39 -6.13
CA ARG B 164 -6.98 -5.98 -5.30
C ARG B 164 -7.60 -6.98 -4.33
N ILE B 165 -8.65 -6.55 -3.65
CA ILE B 165 -9.46 -7.42 -2.81
C ILE B 165 -10.01 -8.62 -3.61
N ARG B 166 -10.51 -8.34 -4.79
CA ARG B 166 -11.05 -9.36 -5.68
C ARG B 166 -9.97 -10.37 -6.01
N GLU B 167 -8.80 -9.86 -6.40
CA GLU B 167 -7.71 -10.73 -6.81
C GLU B 167 -7.26 -11.64 -5.69
N LEU B 168 -7.06 -11.07 -4.50
CA LEU B 168 -6.54 -11.88 -3.42
C LEU B 168 -7.57 -12.89 -2.94
N MET B 169 -8.84 -12.58 -3.17
CA MET B 169 -9.89 -13.51 -2.83
C MET B 169 -9.83 -14.72 -3.74
N GLU B 170 -9.48 -14.48 -4.99
CA GLU B 170 -9.38 -15.52 -6.01
C GLU B 170 -8.00 -16.19 -6.03
N ALA B 171 -7.03 -15.61 -5.33
CA ALA B 171 -5.65 -16.07 -5.47
C ALA B 171 -5.41 -17.38 -4.72
N THR B 172 -6.23 -17.62 -3.71
CA THR B 172 -6.04 -18.75 -2.82
C THR B 172 -7.39 -19.31 -2.40
N PRO B 173 -7.56 -20.63 -2.55
CA PRO B 173 -8.80 -21.27 -2.11
C PRO B 173 -8.97 -20.99 -0.64
N ILE B 174 -10.15 -21.25 -0.12
CA ILE B 174 -10.39 -21.06 1.30
C ILE B 174 -10.40 -22.40 2.01
N ASP B 175 -9.63 -22.51 3.07
CA ASP B 175 -9.58 -23.75 3.82
C ASP B 175 -10.85 -23.95 4.65
N CYS B 176 -11.57 -25.03 4.37
CA CYS B 176 -12.70 -25.41 5.20
C CYS B 176 -12.45 -26.76 5.88
N ALA B 177 -11.60 -26.73 6.91
CA ALA B 177 -11.28 -27.93 7.69
C ALA B 177 -10.95 -29.15 6.80
N GLY B 178 -9.76 -29.11 6.19
CA GLY B 178 -9.34 -30.17 5.29
C GLY B 178 -10.13 -30.21 3.99
N THR B 179 -10.55 -29.04 3.53
CA THR B 179 -11.23 -28.90 2.24
C THR B 179 -10.98 -27.48 1.74
N SER B 180 -10.17 -27.33 0.69
CA SER B 180 -9.93 -26.00 0.13
C SER B 180 -10.92 -25.71 -1.01
N VAL B 181 -11.77 -24.71 -0.79
CA VAL B 181 -12.81 -24.34 -1.76
C VAL B 181 -12.49 -23.03 -2.51
N PRO B 182 -12.50 -23.08 -3.84
CA PRO B 182 -12.30 -21.85 -4.63
C PRO B 182 -13.49 -20.91 -4.47
N VAL B 183 -13.22 -19.64 -4.17
CA VAL B 183 -14.26 -18.64 -4.14
C VAL B 183 -13.85 -17.40 -4.95
N THR B 184 -14.83 -16.69 -5.46
CA THR B 184 -14.54 -15.40 -6.08
C THR B 184 -15.48 -14.39 -5.49
N ILE B 185 -15.16 -13.13 -5.71
CA ILE B 185 -16.01 -12.08 -5.22
C ILE B 185 -16.28 -11.11 -6.36
N SER B 186 -17.41 -10.43 -6.28
CA SER B 186 -17.77 -9.40 -7.22
C SER B 186 -17.94 -8.14 -6.39
N ALA B 187 -17.65 -6.99 -7.01
CA ALA B 187 -17.82 -5.70 -6.34
C ALA B 187 -18.29 -4.61 -7.28
N GLY B 188 -19.02 -3.66 -6.72
CA GLY B 188 -19.34 -2.41 -7.39
C GLY B 188 -18.80 -1.32 -6.51
N CYS B 189 -18.24 -0.26 -7.10
CA CYS B 189 -17.76 0.86 -6.29
C CYS B 189 -18.09 2.23 -6.87
N THR B 190 -18.03 3.24 -6.00
CA THR B 190 -18.37 4.62 -6.36
C THR B 190 -17.86 5.61 -5.28
N LEU B 191 -17.68 6.87 -5.65
CA LEU B 191 -17.42 7.90 -4.66
C LEU B 191 -18.74 8.55 -4.26
N ALA B 192 -18.81 9.01 -3.01
CA ALA B 192 -19.96 9.79 -2.58
C ALA B 192 -19.84 11.23 -3.03
N GLY B 193 -20.93 11.78 -3.56
CA GLY B 193 -20.99 13.18 -3.94
C GLY B 193 -21.06 14.10 -2.74
N SER B 194 -20.96 15.41 -2.97
CA SER B 194 -20.98 16.39 -1.88
C SER B 194 -22.37 16.47 -1.22
N GLY B 195 -22.41 16.22 0.10
CA GLY B 195 -23.65 16.18 0.86
C GLY B 195 -24.58 15.02 0.56
N GLU B 196 -24.11 14.05 -0.21
CA GLU B 196 -24.95 12.91 -0.60
C GLU B 196 -25.27 12.06 0.62
N GLU B 197 -26.47 11.48 0.63
CA GLU B 197 -26.80 10.56 1.70
C GLU B 197 -25.96 9.30 1.54
N PRO B 198 -25.36 8.85 2.63
CA PRO B 198 -24.62 7.58 2.59
C PRO B 198 -25.44 6.52 1.86
N GLU B 199 -26.73 6.49 2.17
CA GLU B 199 -27.61 5.45 1.66
C GLU B 199 -27.74 5.51 0.16
N ARG B 200 -27.71 6.71 -0.39
CA ARG B 200 -27.83 6.90 -1.83
C ARG B 200 -26.57 6.33 -2.47
N ALA B 201 -25.43 6.68 -1.89
CA ALA B 201 -24.16 6.19 -2.39
C ALA B 201 -24.12 4.68 -2.29
N LEU B 202 -24.62 4.17 -1.16
CA LEU B 202 -24.76 2.74 -0.93
C LEU B 202 -25.52 2.07 -2.07
N ALA B 203 -26.70 2.59 -2.37
CA ALA B 203 -27.53 2.08 -3.45
C ALA B 203 -26.83 2.07 -4.81
N ARG B 204 -26.05 3.12 -5.12
CA ARG B 204 -25.45 3.26 -6.43
C ARG B 204 -24.43 2.13 -6.60
N ALA B 205 -23.68 1.87 -5.54
CA ALA B 205 -22.69 0.80 -5.51
C ALA B 205 -23.36 -0.59 -5.48
N ASP B 206 -24.44 -0.72 -4.72
CA ASP B 206 -25.21 -1.96 -4.78
C ASP B 206 -25.69 -2.28 -6.21
N ALA B 207 -26.14 -1.24 -6.93
CA ALA B 207 -26.55 -1.43 -8.31
C ALA B 207 -25.40 -1.82 -9.25
N ALA B 208 -24.24 -1.18 -9.10
CA ALA B 208 -23.06 -1.56 -9.86
C ALA B 208 -22.63 -2.99 -9.51
N LEU B 209 -22.76 -3.34 -8.23
CA LEU B 209 -22.48 -4.71 -7.81
C LEU B 209 -23.36 -5.67 -8.61
N TYR B 210 -24.66 -5.36 -8.62
CA TYR B 210 -25.61 -6.15 -9.42
C TYR B 210 -25.21 -6.28 -10.88
N ASP B 211 -24.75 -5.19 -11.48
CA ASP B 211 -24.32 -5.26 -12.86
C ASP B 211 -23.10 -6.17 -12.97
N ALA B 212 -22.27 -6.17 -11.92
CA ALA B 212 -21.05 -6.97 -11.94
C ALA B 212 -21.40 -8.44 -11.89
N LYS B 213 -22.39 -8.76 -11.06
CA LYS B 213 -22.91 -10.12 -11.03
C LYS B 213 -23.46 -10.50 -12.41
N ARG B 214 -24.37 -9.68 -12.93
CA ARG B 214 -25.03 -10.00 -14.19
C ARG B 214 -24.06 -10.14 -15.35
N ALA B 215 -22.90 -9.50 -15.23
CA ALA B 215 -21.94 -9.54 -16.31
C ALA B 215 -21.11 -10.83 -16.31
N GLY B 216 -21.14 -11.56 -15.21
CA GLY B 216 -20.36 -12.80 -15.12
C GLY B 216 -19.64 -13.02 -13.81
N ARG B 217 -19.69 -12.02 -12.93
CA ARG B 217 -19.10 -12.12 -11.60
C ARG B 217 -17.56 -12.08 -11.65
N ASN B 218 -16.93 -12.22 -10.49
CA ASN B 218 -15.50 -12.08 -10.37
C ASN B 218 -15.03 -10.90 -11.19
N ARG B 219 -15.54 -9.73 -10.83
CA ARG B 219 -15.53 -8.62 -11.73
C ARG B 219 -15.82 -7.41 -10.89
N VAL B 220 -15.15 -6.31 -11.20
CA VAL B 220 -15.45 -5.04 -10.55
C VAL B 220 -16.11 -4.06 -11.53
N VAL B 221 -17.15 -3.38 -11.04
CA VAL B 221 -17.81 -2.35 -11.81
C VAL B 221 -17.68 -1.02 -11.07
N SER B 222 -16.99 -0.09 -11.71
CA SER B 222 -16.81 1.23 -11.13
C SER B 222 -17.82 2.18 -11.74
N VAL B 223 -18.50 2.92 -10.87
CA VAL B 223 -19.64 3.70 -11.28
C VAL B 223 -19.61 5.11 -10.68
P1 C2E C . -1.41 -1.71 6.51
O2P C2E C . -1.23 -0.21 6.24
O1P C2E C . -2.27 -1.87 7.68
O5' C2E C . -2.16 -2.24 5.26
C5' C2E C . -1.85 -3.56 5.08
C4' C2E C . -2.20 -4.08 3.74
O4' C2E C . -3.05 -3.18 3.13
C3' C2E C . -0.99 -4.10 2.87
O3' C2E C . -0.18 -5.21 3.10
C2' C2E C . -1.54 -4.15 1.61
O2' C2E C . -1.89 -5.43 1.19
C1' C2E C . -2.78 -3.31 1.78
N9 C2E C . -2.40 -2.12 0.95
C8 C2E C . -2.64 -1.17 2.01
N7 C2E C . -2.41 0.13 1.47
C5 C2E C . -2.00 -0.06 0.10
C6 C2E C . -1.64 0.77 -0.96
O6 C2E C . -1.63 2.14 -0.79
N1 C2E C . -1.29 0.23 -2.15
C2 C2E C . -1.29 -1.11 -2.32
N2 C2E C . -0.95 -1.75 -3.51
N3 C2E C . -1.64 -1.91 -1.34
C4 C2E C . -1.98 -1.41 -0.16
P11 C2E C . 1.34 -4.91 3.17
O21 C2E C . 1.67 -4.33 1.84
O11 C2E C . 2.06 -6.22 3.37
O5A C2E C . 1.79 -3.84 4.23
C5A C2E C . 1.79 -4.25 5.56
C4A C2E C . 2.00 -3.05 6.46
O4A C2E C . 3.26 -2.39 6.05
C3A C2E C . 1.00 -2.13 6.27
O3A C2E C . 0.01 -2.36 6.85
C2A C2E C . 1.58 -0.93 6.43
O2A C2E C . 1.62 -0.50 7.85
C1A C2E C . 2.99 -1.08 6.00
N91 C2E C . 3.39 -0.47 4.71
C81 C2E C . 3.46 -0.95 3.49
N71 C2E C . 3.86 -0.14 2.63
C51 C2E C . 4.13 1.03 3.15
C61 C2E C . 4.58 2.27 2.76
O61 C2E C . 4.91 2.51 1.42
N11 C2E C . 4.73 3.26 3.68
C21 C2E C . 4.43 3.08 4.98
N21 C2E C . 4.57 4.12 5.93
N31 C2E C . 3.97 1.89 5.41
C41 C2E C . 3.81 0.88 4.56
P1 C2E D . -0.31 6.47 -1.67
O2P C2E D . -0.67 6.31 -0.20
O1P C2E D . 0.40 7.77 -1.75
O5' C2E D . 0.72 5.36 -2.01
C5' C2E D . 0.96 5.27 -3.36
C4' C2E D . 1.75 4.05 -3.64
O4' C2E D . 2.33 3.64 -2.44
C3' C2E D . 0.80 2.92 -3.95
O3' C2E D . 0.25 3.00 -5.23
C2' C2E D . 1.57 1.78 -3.69
O2' C2E D . 2.42 1.33 -4.70
C1' C2E D . 2.45 2.24 -2.55
N9 C2E D . 1.98 1.29 -1.49
C8 C2E D . 1.68 2.33 -0.53
N7 C2E D . 1.28 1.69 0.68
C5 C2E D . 1.35 0.27 0.44
C6 C2E D . 1.12 -0.87 1.21
O6 C2E D . 0.72 -0.75 2.53
N1 C2E D . 1.30 -2.09 0.65
C2 C2E D . 1.70 -2.21 -0.65
N2 C2E D . 1.89 -3.45 -1.26
N3 C2E D . 1.93 -1.15 -1.39
C4 C2E D . 1.75 0.06 -0.86
P11 C2E D . -1.27 2.57 -5.32
O21 C2E D . -1.32 1.19 -4.78
O11 C2E D . -1.64 2.57 -6.79
O5A C2E D . -2.30 3.43 -4.49
C5A C2E D . -2.38 4.77 -4.88
C4A C2E D . -3.10 5.60 -3.83
O4A C2E D . -4.32 4.85 -3.52
C3A C2E D . -2.40 5.72 -2.66
O3A C2E D . -1.60 6.58 -2.59
C2A C2E D . -3.33 5.71 -1.69
O2A C2E D . -3.83 7.09 -1.45
C1A C2E D . -4.48 4.93 -2.20
N91 C2E D . -4.74 3.61 -1.60
C81 C2E D . -4.45 2.42 -2.03
N71 C2E D . -4.81 1.51 -1.27
C51 C2E D . -5.42 1.94 -0.19
C61 C2E D . -6.04 1.43 0.93
O61 C2E D . -6.10 0.05 1.18
N11 C2E D . -6.58 2.28 1.84
C21 C2E D . -6.53 3.63 1.66
N21 C2E D . -7.10 4.48 2.65
N31 C2E D . -5.94 4.16 0.57
C41 C2E D . -5.40 3.38 -0.36
#